data_3D0X
#
_entry.id   3D0X
#
_cell.length_a   120.193
_cell.length_b   120.193
_cell.length_c   58.248
_cell.angle_alpha   90.00
_cell.angle_beta   90.00
_cell.angle_gamma   120.00
#
_symmetry.space_group_name_H-M   'P 32'
#
loop_
_entity.id
_entity.type
_entity.pdbx_description
1 polymer 'RNA (161-MER)'
2 water water
#
_entity_poly.entity_id   1
_entity_poly.type   'polyribonucleotide'
_entity_poly.pdbx_seq_one_letter_code
;GGACGGAGGCGCGCCCGAGAUGAGUAGGCUGUCCCAUCAGGGGAGGAAUCGGGGACGGCUGAAAGGCGAGGGCGCCGAAG
CGAGCAGAGUUCCUCCCGCUCUGCUUGGCUGGGGGUGAGGGGAAUACCCUUACCACUGUCGCGAAAGCGGAGAGCCGUCC
A
;
_entity_poly.pdbx_strand_id   A
#
loop_
_chem_comp.id
_chem_comp.type
_chem_comp.name
_chem_comp.formula
A RNA linking ADENOSINE-5'-MONOPHOSPHATE 'C10 H14 N5 O7 P'
C RNA linking CYTIDINE-5'-MONOPHOSPHATE 'C9 H14 N3 O8 P'
G RNA linking GUANOSINE-5'-MONOPHOSPHATE 'C10 H14 N5 O8 P'
U RNA linking URIDINE-5'-MONOPHOSPHATE 'C9 H13 N2 O9 P'
#